data_7E9M
#
_entry.id   7E9M
#
_cell.length_a   77.612
_cell.length_b   45.541
_cell.length_c   85.984
_cell.angle_alpha   90.000
_cell.angle_beta   93.090
_cell.angle_gamma   90.000
#
_symmetry.space_group_name_H-M   'P 1 2 1'
#
loop_
_entity.id
_entity.type
_entity.pdbx_description
1 polymer Spindlin-1
2 polymer 'Peptide from Spindlin interactor and repressor of chromatin-binding protein'
3 water water
#
loop_
_entity_poly.entity_id
_entity_poly.type
_entity_poly.pdbx_seq_one_letter_code
_entity_poly.pdbx_strand_id
1 'polypeptide(L)'
;MKTPFGKTPGQRSRADAGHAGVSANMMKKRTSHKKHRSSVGPSKPVSQPRRNIVGCRIQHGWKEGNGPVTQWKGTVLDQV
PVNPSLYLIKYDGFDCVYGLELNKDERVSALEVLPDRVATSRISDAHLADTMIGKAVEHMFETEDGSKDEWRGMVLARAP
VMNTWFYITYEKDPVLYMYQLLDDYKEGDLRIMPDSNDSPPAEREPGEVVDSLVGKQVEYAKEDGSKRTGMVIHQVEAKP
SVYFIKFDDDFHIYVYDLVKTS
;
A,C
2 'polypeptide(L)' FAAPAEVRHFTDGSFPAGFVLQLFSHT B,D
#
# COMPACT_ATOMS: atom_id res chain seq x y z
N ARG A 51 37.02 12.18 -14.14
CA ARG A 51 37.27 11.15 -13.13
C ARG A 51 36.26 11.30 -12.00
N ASN A 52 35.38 12.30 -12.09
CA ASN A 52 34.16 12.31 -11.32
C ASN A 52 33.10 11.52 -12.09
N ILE A 53 32.57 10.46 -11.48
CA ILE A 53 31.74 9.52 -12.20
C ILE A 53 30.27 9.63 -11.85
N VAL A 54 29.89 10.53 -10.94
CA VAL A 54 28.48 10.71 -10.64
C VAL A 54 27.79 11.20 -11.89
N GLY A 55 26.64 10.63 -12.22
CA GLY A 55 25.91 10.97 -13.42
C GLY A 55 26.32 10.19 -14.64
N CYS A 56 27.43 9.45 -14.59
CA CYS A 56 27.95 8.74 -15.74
C CYS A 56 27.43 7.31 -15.78
N ARG A 57 27.23 6.80 -17.00
CA ARG A 57 27.11 5.36 -17.19
C ARG A 57 28.47 4.75 -17.01
N ILE A 58 28.51 3.54 -16.43
CA ILE A 58 29.75 2.85 -16.16
C ILE A 58 29.56 1.39 -16.49
N GLN A 59 30.69 0.73 -16.68
CA GLN A 59 30.75 -0.72 -16.83
C GLN A 59 31.96 -1.24 -16.07
N HIS A 60 31.84 -2.45 -15.56
CA HIS A 60 33.00 -3.08 -14.92
C HIS A 60 32.81 -4.58 -14.81
N GLY A 61 33.92 -5.28 -14.65
CA GLY A 61 33.85 -6.67 -14.23
C GLY A 61 33.27 -6.78 -12.83
N TRP A 62 32.59 -7.88 -12.58
CA TRP A 62 32.13 -8.27 -11.27
C TRP A 62 32.49 -9.73 -11.07
N LYS A 63 33.18 -10.02 -9.97
CA LYS A 63 33.58 -11.38 -9.62
C LYS A 63 32.76 -11.83 -8.43
N GLU A 64 31.76 -12.68 -8.70
CA GLU A 64 30.91 -13.26 -7.65
C GLU A 64 31.63 -14.50 -7.10
N GLY A 65 32.09 -14.42 -5.86
CA GLY A 65 32.85 -15.52 -5.29
C GLY A 65 34.10 -15.81 -6.10
N ASN A 66 34.26 -17.05 -6.54
CA ASN A 66 35.41 -17.42 -7.35
C ASN A 66 35.02 -17.75 -8.78
N GLY A 67 33.82 -17.32 -9.20
CA GLY A 67 33.36 -17.53 -10.55
C GLY A 67 34.03 -16.58 -11.52
N PRO A 68 33.74 -16.80 -12.80
CA PRO A 68 34.37 -15.99 -13.87
C PRO A 68 33.82 -14.57 -13.90
N VAL A 69 34.66 -13.64 -14.32
CA VAL A 69 34.29 -12.23 -14.27
C VAL A 69 33.19 -11.95 -15.27
N THR A 70 32.14 -11.27 -14.81
CA THR A 70 31.00 -10.92 -15.65
C THR A 70 30.94 -9.41 -15.81
N GLN A 71 30.41 -8.93 -16.93
CA GLN A 71 30.35 -7.50 -17.16
C GLN A 71 29.05 -6.94 -16.62
N TRP A 72 29.14 -5.79 -15.96
CA TRP A 72 28.01 -5.11 -15.36
C TRP A 72 27.97 -3.71 -15.91
N LYS A 73 26.75 -3.20 -16.12
CA LYS A 73 26.51 -1.87 -16.64
C LYS A 73 25.50 -1.16 -15.77
N GLY A 74 25.77 0.13 -15.48
CA GLY A 74 24.85 0.88 -14.64
C GLY A 74 25.08 2.37 -14.71
N THR A 75 24.31 3.10 -13.93
CA THR A 75 24.35 4.56 -13.87
C THR A 75 24.66 4.98 -12.43
N VAL A 76 25.70 5.80 -12.28
CA VAL A 76 26.10 6.27 -10.95
C VAL A 76 25.17 7.39 -10.52
N LEU A 77 24.32 7.11 -9.52
CA LEU A 77 23.36 8.08 -9.02
C LEU A 77 23.98 9.13 -8.12
N ASP A 78 24.94 8.73 -7.29
CA ASP A 78 25.43 9.65 -6.27
C ASP A 78 26.70 9.11 -5.63
N GLN A 79 27.47 10.04 -5.07
CA GLN A 79 28.63 9.74 -4.25
C GLN A 79 28.31 10.21 -2.84
N VAL A 80 28.40 9.31 -1.87
CA VAL A 80 27.92 9.59 -0.52
C VAL A 80 28.79 10.67 0.14
N PRO A 81 28.22 11.83 0.44
CA PRO A 81 29.00 12.87 1.14
C PRO A 81 29.68 12.40 2.42
N VAL A 82 29.02 11.62 3.29
CA VAL A 82 29.68 11.20 4.53
C VAL A 82 30.68 10.08 4.32
N ASN A 83 30.84 9.58 3.09
CA ASN A 83 31.89 8.61 2.78
C ASN A 83 32.13 8.62 1.29
N PRO A 84 32.97 9.53 0.78
CA PRO A 84 33.04 9.74 -0.68
C PRO A 84 33.61 8.55 -1.44
N SER A 85 34.07 7.49 -0.81
CA SER A 85 34.40 6.31 -1.60
C SER A 85 33.19 5.40 -1.84
N LEU A 86 31.99 5.83 -1.46
CA LEU A 86 30.79 4.99 -1.52
C LEU A 86 29.84 5.58 -2.56
N TYR A 87 29.48 4.77 -3.54
CA TYR A 87 28.63 5.19 -4.65
C TYR A 87 27.32 4.41 -4.59
N LEU A 88 26.24 5.12 -4.94
CA LEU A 88 24.98 4.48 -5.28
C LEU A 88 24.90 4.26 -6.79
N ILE A 89 24.53 3.05 -7.17
CA ILE A 89 24.53 2.67 -8.58
C ILE A 89 23.21 2.01 -8.88
N LYS A 90 22.59 2.42 -9.99
CA LYS A 90 21.44 1.72 -10.56
C LYS A 90 21.93 0.90 -11.74
N TYR A 91 22.02 -0.41 -11.56
CA TYR A 91 22.45 -1.31 -12.61
C TYR A 91 21.26 -1.75 -13.45
N ASP A 92 21.49 -1.91 -14.75
CA ASP A 92 20.47 -2.46 -15.62
C ASP A 92 20.16 -3.88 -15.19
N GLY A 93 18.88 -4.19 -15.01
CA GLY A 93 18.50 -5.52 -14.62
C GLY A 93 18.26 -5.73 -13.14
N PHE A 94 18.87 -4.94 -12.26
CA PHE A 94 18.56 -4.99 -10.84
C PHE A 94 17.69 -3.79 -10.51
N ASP A 95 16.52 -4.05 -9.92
CA ASP A 95 15.65 -2.99 -9.44
C ASP A 95 16.18 -2.30 -8.19
N CYS A 96 17.11 -2.93 -7.46
CA CYS A 96 17.61 -2.40 -6.19
C CYS A 96 18.79 -1.47 -6.41
N VAL A 97 18.81 -0.35 -5.67
CA VAL A 97 20.00 0.48 -5.67
C VAL A 97 21.12 -0.25 -4.94
N TYR A 98 22.31 -0.22 -5.53
CA TYR A 98 23.49 -0.85 -4.93
C TYR A 98 24.40 0.21 -4.32
N GLY A 99 25.04 -0.15 -3.20
CA GLY A 99 26.07 0.66 -2.58
C GLY A 99 27.42 -0.02 -2.70
N LEU A 100 28.37 0.59 -3.42
CA LEU A 100 29.66 -0.06 -3.64
C LEU A 100 30.79 0.96 -3.52
N GLU A 101 31.90 0.53 -2.95
CA GLU A 101 33.11 1.33 -2.99
C GLU A 101 33.81 0.93 -4.29
N LEU A 102 33.39 1.60 -5.38
CA LEU A 102 33.72 1.14 -6.72
C LEU A 102 35.21 1.06 -6.93
N ASN A 103 35.96 1.99 -6.38
CA ASN A 103 37.40 2.02 -6.59
C ASN A 103 38.18 1.28 -5.50
N LYS A 104 37.48 0.67 -4.54
CA LYS A 104 38.10 -0.09 -3.46
C LYS A 104 37.67 -1.55 -3.43
N ASP A 105 36.39 -1.83 -3.70
CA ASP A 105 35.87 -3.19 -3.62
C ASP A 105 36.63 -4.14 -4.54
N GLU A 106 36.99 -5.32 -4.01
CA GLU A 106 37.84 -6.24 -4.77
C GLU A 106 37.07 -7.08 -5.80
N ARG A 107 35.74 -7.04 -5.79
CA ARG A 107 34.93 -7.72 -6.80
C ARG A 107 34.77 -6.90 -8.06
N VAL A 108 35.18 -5.64 -8.03
CA VAL A 108 35.03 -4.73 -9.14
C VAL A 108 36.37 -4.64 -9.86
N SER A 109 36.34 -4.79 -11.17
CA SER A 109 37.55 -4.67 -11.98
C SER A 109 37.24 -3.97 -13.30
N ALA A 110 38.25 -3.34 -13.88
CA ALA A 110 38.17 -2.69 -15.20
C ALA A 110 36.98 -1.73 -15.28
N LEU A 111 36.95 -0.78 -14.35
CA LEU A 111 35.86 0.19 -14.28
C LEU A 111 36.07 1.27 -15.33
N GLU A 112 35.10 1.46 -16.23
CA GLU A 112 35.20 2.45 -17.28
C GLU A 112 33.92 3.27 -17.37
N VAL A 113 34.09 4.55 -17.70
CA VAL A 113 32.96 5.41 -18.01
C VAL A 113 32.53 5.14 -19.44
N LEU A 114 31.21 4.93 -19.64
CA LEU A 114 30.56 4.71 -20.93
C LEU A 114 29.91 5.98 -21.44
N PRO A 115 29.57 6.05 -22.74
CA PRO A 115 28.74 7.15 -23.22
C PRO A 115 27.36 7.10 -22.60
N ASP A 116 26.74 8.26 -22.45
CA ASP A 116 25.41 8.34 -21.87
C ASP A 116 24.41 7.55 -22.71
N ARG A 117 23.31 7.19 -22.08
CA ARG A 117 22.26 6.44 -22.75
C ARG A 117 21.55 7.38 -23.73
N VAL A 118 21.05 6.82 -24.82
CA VAL A 118 20.28 7.62 -25.78
C VAL A 118 19.11 8.26 -25.05
N ALA A 119 18.93 9.57 -25.24
CA ALA A 119 17.90 10.36 -24.56
C ALA A 119 16.50 10.19 -25.17
N THR A 120 15.51 10.66 -24.42
CA THR A 120 14.09 10.69 -24.82
C THR A 120 13.59 12.13 -24.67
N SER A 121 12.27 12.33 -24.61
CA SER A 121 11.64 13.67 -24.43
C SER A 121 10.17 13.53 -24.01
N ASP A 125 4.88 13.72 -16.57
CA ASP A 125 4.08 14.76 -15.88
C ASP A 125 4.70 15.06 -14.51
N ALA A 126 4.94 16.34 -14.23
CA ALA A 126 5.59 16.71 -12.96
C ALA A 126 4.61 16.74 -11.81
N HIS A 127 3.34 17.10 -12.04
CA HIS A 127 2.38 17.19 -10.90
C HIS A 127 2.15 15.79 -10.33
N LEU A 128 2.02 14.81 -11.21
CA LEU A 128 1.77 13.42 -10.80
C LEU A 128 2.97 12.94 -9.99
N ALA A 129 4.16 13.26 -10.45
CA ALA A 129 5.40 12.81 -9.80
C ALA A 129 5.56 13.53 -8.47
N ASP A 130 5.13 14.77 -8.39
CA ASP A 130 5.31 15.55 -7.14
C ASP A 130 4.29 15.13 -6.10
N THR A 131 3.10 14.71 -6.51
CA THR A 131 2.07 14.26 -5.55
C THR A 131 2.38 12.85 -5.08
N MET A 132 3.13 12.09 -5.85
CA MET A 132 3.50 10.73 -5.45
C MET A 132 4.52 10.72 -4.31
N ILE A 133 5.40 11.74 -4.26
CA ILE A 133 6.55 11.69 -3.37
C ILE A 133 6.13 11.93 -1.93
N GLY A 134 6.71 11.15 -1.02
CA GLY A 134 6.33 11.19 0.37
C GLY A 134 5.14 10.33 0.72
N LYS A 135 4.49 9.73 -0.27
CA LYS A 135 3.18 9.11 -0.09
C LYS A 135 3.32 7.61 0.09
N ALA A 136 2.37 7.02 0.78
CA ALA A 136 2.29 5.58 0.82
C ALA A 136 1.58 5.15 -0.44
N VAL A 137 1.92 3.95 -0.93
CA VAL A 137 1.38 3.46 -2.19
C VAL A 137 1.18 1.95 -2.10
N GLU A 138 0.33 1.45 -2.99
CA GLU A 138 0.15 0.02 -3.22
C GLU A 138 0.64 -0.26 -4.63
N HIS A 139 1.59 -1.19 -4.77
CA HIS A 139 2.28 -1.43 -6.03
C HIS A 139 1.98 -2.86 -6.41
N MET A 140 1.36 -3.04 -7.56
CA MET A 140 0.81 -4.33 -7.98
C MET A 140 1.82 -5.03 -8.88
N PHE A 141 2.35 -6.16 -8.42
CA PHE A 141 3.21 -7.04 -9.22
C PHE A 141 2.40 -8.27 -9.60
N GLU A 142 2.79 -8.92 -10.71
CA GLU A 142 2.02 -10.03 -11.24
C GLU A 142 2.75 -11.37 -11.06
N THR A 143 2.21 -12.23 -10.18
CA THR A 143 2.78 -13.56 -9.90
C THR A 143 2.70 -14.45 -11.14
N GLU A 144 3.67 -15.37 -11.28
CA GLU A 144 3.74 -16.35 -12.37
C GLU A 144 2.37 -16.90 -12.76
N ASP A 145 1.48 -17.08 -11.78
CA ASP A 145 0.10 -17.47 -12.00
C ASP A 145 -0.67 -16.42 -12.80
N GLY A 146 -0.05 -15.27 -13.12
CA GLY A 146 -0.81 -14.23 -13.76
C GLY A 146 -1.72 -13.47 -12.82
N SER A 147 -1.67 -13.79 -11.51
CA SER A 147 -2.45 -13.17 -10.46
C SER A 147 -1.68 -11.96 -9.93
N LYS A 148 -2.28 -11.25 -8.99
CA LYS A 148 -1.76 -9.96 -8.55
C LYS A 148 -1.40 -9.97 -7.08
N ASP A 149 -0.15 -9.61 -6.78
CA ASP A 149 0.34 -9.41 -5.42
C ASP A 149 0.61 -7.92 -5.24
N GLU A 150 -0.03 -7.32 -4.24
CA GLU A 150 0.02 -5.89 -4.03
C GLU A 150 0.94 -5.62 -2.84
N TRP A 151 2.13 -5.09 -3.11
CA TRP A 151 3.09 -4.75 -2.06
C TRP A 151 2.86 -3.31 -1.59
N ARG A 152 2.61 -3.14 -0.31
CA ARG A 152 2.50 -1.80 0.23
C ARG A 152 3.91 -1.24 0.44
N GLY A 153 4.07 0.03 0.11
CA GLY A 153 5.38 0.64 0.23
C GLY A 153 5.23 2.14 0.32
N MET A 154 6.36 2.82 0.16
CA MET A 154 6.42 4.26 0.23
C MET A 154 7.35 4.80 -0.84
N VAL A 155 6.94 5.89 -1.48
CA VAL A 155 7.74 6.60 -2.47
C VAL A 155 8.54 7.66 -1.75
N LEU A 156 9.87 7.61 -1.89
CA LEU A 156 10.73 8.44 -1.06
C LEU A 156 11.24 9.67 -1.78
N ALA A 157 11.57 9.54 -3.06
CA ALA A 157 12.11 10.71 -3.74
C ALA A 157 12.18 10.42 -5.23
N ARG A 158 12.30 11.48 -6.00
CA ARG A 158 12.72 11.36 -7.38
C ARG A 158 14.17 10.95 -7.40
N ALA A 159 14.49 9.90 -8.15
CA ALA A 159 15.86 9.47 -8.20
C ALA A 159 16.71 10.57 -8.84
N PRO A 160 17.96 10.70 -8.43
CA PRO A 160 18.87 11.63 -9.12
C PRO A 160 19.31 11.05 -10.44
N VAL A 161 19.81 11.94 -11.29
CA VAL A 161 20.40 11.58 -12.59
C VAL A 161 19.36 10.93 -13.51
N MET A 162 18.66 9.92 -13.01
CA MET A 162 17.58 9.26 -13.74
C MET A 162 16.27 9.87 -13.23
N ASN A 163 15.85 10.98 -13.84
CA ASN A 163 14.71 11.74 -13.31
C ASN A 163 13.38 11.00 -13.42
N THR A 164 13.19 10.21 -14.48
CA THR A 164 11.93 9.49 -14.64
C THR A 164 11.72 8.45 -13.54
N TRP A 165 12.77 8.15 -12.79
CA TRP A 165 12.80 7.06 -11.83
C TRP A 165 12.62 7.58 -10.42
N PHE A 166 12.03 6.74 -9.57
CA PHE A 166 11.70 7.08 -8.20
C PHE A 166 12.33 6.07 -7.26
N TYR A 167 12.86 6.59 -6.15
CA TYR A 167 13.23 5.78 -5.00
C TYR A 167 11.97 5.27 -4.32
N ILE A 168 11.90 3.97 -4.06
CA ILE A 168 10.73 3.39 -3.42
C ILE A 168 11.20 2.27 -2.50
N THR A 169 10.45 2.03 -1.41
CA THR A 169 10.76 0.91 -0.51
C THR A 169 9.46 0.22 -0.10
N TYR A 170 9.57 -1.03 0.38
CA TYR A 170 8.40 -1.89 0.55
C TYR A 170 8.37 -2.49 1.95
N GLU A 171 7.16 -2.56 2.54
CA GLU A 171 7.03 -3.17 3.86
C GLU A 171 7.46 -4.63 3.86
N LYS A 172 7.25 -5.35 2.78
CA LYS A 172 7.74 -6.71 2.70
C LYS A 172 9.18 -6.79 2.22
N ASP A 173 9.84 -5.65 1.97
CA ASP A 173 11.24 -5.65 1.59
C ASP A 173 11.83 -4.26 1.80
N PRO A 174 12.40 -3.97 2.96
CA PRO A 174 12.77 -2.58 3.27
C PRO A 174 14.12 -2.14 2.73
N VAL A 175 14.44 -2.45 1.48
CA VAL A 175 15.64 -1.93 0.85
C VAL A 175 15.21 -0.91 -0.20
N LEU A 176 16.19 -0.20 -0.74
CA LEU A 176 15.90 0.91 -1.62
C LEU A 176 15.81 0.39 -3.06
N TYR A 177 14.63 0.49 -3.65
CA TYR A 177 14.38 0.15 -5.04
C TYR A 177 14.26 1.40 -5.89
N MET A 178 14.37 1.20 -7.20
CA MET A 178 14.16 2.27 -8.16
C MET A 178 13.23 1.78 -9.25
N TYR A 179 12.19 2.56 -9.54
CA TYR A 179 11.26 2.18 -10.59
C TYR A 179 10.76 3.42 -11.30
N GLN A 180 10.29 3.21 -12.54
CA GLN A 180 9.63 4.27 -13.32
C GLN A 180 8.14 4.19 -13.03
N LEU A 181 7.73 4.90 -11.99
CA LEU A 181 6.42 4.70 -11.42
C LEU A 181 5.31 5.42 -12.17
N LEU A 182 5.62 6.41 -13.02
CA LEU A 182 4.55 7.07 -13.75
C LEU A 182 3.90 6.12 -14.75
N ASP A 183 4.70 5.22 -15.34
CA ASP A 183 4.14 4.18 -16.20
C ASP A 183 3.22 3.27 -15.41
N ASP A 184 3.69 2.80 -14.25
CA ASP A 184 2.87 1.88 -13.45
C ASP A 184 1.61 2.55 -12.97
N TYR A 185 1.65 3.86 -12.73
CA TYR A 185 0.42 4.54 -12.32
C TYR A 185 -0.56 4.65 -13.47
N LYS A 186 -0.10 5.10 -14.64
CA LYS A 186 -1.01 5.16 -15.79
C LYS A 186 -1.62 3.80 -16.06
N GLU A 187 -0.78 2.75 -16.14
CA GLU A 187 -1.24 1.38 -16.26
C GLU A 187 -2.19 0.96 -15.13
N GLY A 188 -2.35 1.79 -14.11
CA GLY A 188 -3.20 1.46 -12.97
C GLY A 188 -2.57 0.59 -11.91
N ASP A 189 -1.35 0.07 -12.14
CA ASP A 189 -0.67 -0.86 -11.23
C ASP A 189 -0.11 -0.19 -9.96
N LEU A 190 -0.38 1.09 -9.78
CA LEU A 190 0.09 1.81 -8.60
C LEU A 190 -1.03 2.70 -8.09
N ARG A 191 -1.43 2.50 -6.84
CA ARG A 191 -2.40 3.36 -6.20
C ARG A 191 -1.69 4.18 -5.14
N ILE A 192 -1.99 5.48 -5.09
CA ILE A 192 -1.41 6.36 -4.07
C ILE A 192 -2.39 6.42 -2.89
N MET A 193 -1.92 6.03 -1.72
CA MET A 193 -2.82 6.05 -0.58
C MET A 193 -3.00 7.45 -0.03
N PRO A 194 -4.13 7.70 0.64
CA PRO A 194 -4.41 9.04 1.17
C PRO A 194 -3.65 9.31 2.45
N ASP A 195 -3.37 10.59 2.68
CA ASP A 195 -2.56 11.05 3.81
C ASP A 195 -3.30 12.02 4.71
N PRO A 206 9.44 12.94 14.85
CA PRO A 206 10.75 12.57 15.39
C PRO A 206 11.91 12.99 14.49
N GLY A 207 11.74 12.86 13.17
CA GLY A 207 12.82 13.21 12.29
C GLY A 207 13.07 14.70 12.14
N GLU A 208 12.12 15.53 12.57
CA GLU A 208 12.36 16.97 12.58
C GLU A 208 12.73 17.50 13.97
N VAL A 209 12.31 16.81 15.03
CA VAL A 209 12.78 17.17 16.38
C VAL A 209 14.27 16.85 16.51
N VAL A 210 14.67 15.64 16.11
CA VAL A 210 16.04 15.18 16.31
C VAL A 210 16.91 15.75 15.21
N ASP A 211 18.10 16.21 15.59
CA ASP A 211 19.11 16.63 14.62
C ASP A 211 19.49 15.47 13.72
N SER A 212 20.14 15.80 12.61
CA SER A 212 20.35 14.82 11.57
C SER A 212 21.35 13.76 12.01
N LEU A 213 20.99 12.49 11.81
CA LEU A 213 21.86 11.38 12.15
C LEU A 213 22.85 11.07 11.04
N VAL A 214 22.73 11.76 9.90
CA VAL A 214 23.53 11.42 8.73
C VAL A 214 25.00 11.52 9.08
N GLY A 215 25.76 10.51 8.71
CA GLY A 215 27.17 10.45 8.99
C GLY A 215 27.53 9.67 10.24
N LYS A 216 26.56 9.41 11.11
CA LYS A 216 26.85 8.57 12.27
C LYS A 216 27.07 7.14 11.83
N GLN A 217 27.95 6.46 12.55
CA GLN A 217 28.24 5.07 12.28
C GLN A 217 27.42 4.20 13.22
N VAL A 218 26.61 3.34 12.65
CA VAL A 218 25.69 2.48 13.39
C VAL A 218 26.43 1.24 13.86
N GLU A 219 25.94 0.66 14.95
CA GLU A 219 26.58 -0.47 15.60
C GLU A 219 25.50 -1.36 16.17
N TYR A 220 25.55 -2.63 15.81
CA TYR A 220 24.57 -3.59 16.32
C TYR A 220 25.31 -4.88 16.60
N ALA A 221 24.63 -5.81 17.26
CA ALA A 221 25.16 -7.14 17.49
C ALA A 221 24.37 -8.19 16.71
N LYS A 222 25.08 -9.23 16.27
CA LYS A 222 24.44 -10.41 15.69
C LYS A 222 24.18 -11.45 16.76
N GLU A 223 23.49 -12.54 16.39
CA GLU A 223 23.15 -13.54 17.39
C GLU A 223 24.41 -14.22 17.93
N ASP A 224 25.53 -14.07 17.23
CA ASP A 224 26.81 -14.51 17.75
C ASP A 224 27.28 -13.69 18.93
N GLY A 225 26.72 -12.50 19.12
CA GLY A 225 27.34 -11.51 19.97
C GLY A 225 28.40 -10.70 19.28
N SER A 226 28.77 -11.08 18.05
CA SER A 226 29.65 -10.28 17.22
C SER A 226 28.96 -8.96 16.86
N LYS A 227 29.66 -7.85 17.07
CA LYS A 227 29.18 -6.54 16.67
C LYS A 227 29.63 -6.18 15.26
N ARG A 228 28.70 -5.65 14.46
CA ARG A 228 28.96 -5.13 13.12
C ARG A 228 28.50 -3.69 13.01
N THR A 229 29.02 -3.00 11.99
CA THR A 229 28.81 -1.58 11.85
C THR A 229 28.11 -1.26 10.52
N GLY A 230 27.57 -0.05 10.47
CA GLY A 230 26.97 0.48 9.26
C GLY A 230 27.08 1.98 9.29
N MET A 231 26.43 2.66 8.37
CA MET A 231 26.54 4.11 8.34
C MET A 231 25.24 4.71 7.85
N VAL A 232 24.80 5.75 8.55
CA VAL A 232 23.66 6.54 8.12
C VAL A 232 24.12 7.44 6.98
N ILE A 233 23.68 7.16 5.76
CA ILE A 233 24.20 7.92 4.64
C ILE A 233 23.22 8.98 4.14
N HIS A 234 21.96 8.96 4.57
CA HIS A 234 21.05 9.92 3.98
C HIS A 234 19.78 10.03 4.80
N GLN A 235 19.24 11.23 4.88
CA GLN A 235 17.93 11.48 5.46
C GLN A 235 16.99 11.97 4.36
N VAL A 236 15.76 11.46 4.35
CA VAL A 236 14.85 11.73 3.24
C VAL A 236 14.29 13.14 3.36
N GLU A 237 14.42 13.94 2.29
CA GLU A 237 13.93 15.30 2.35
C GLU A 237 12.42 15.36 2.52
N ALA A 238 11.69 14.40 1.94
CA ALA A 238 10.24 14.43 2.01
C ALA A 238 9.71 13.92 3.34
N LYS A 239 10.43 13.02 4.01
CA LYS A 239 9.97 12.43 5.27
C LYS A 239 11.16 12.34 6.21
N PRO A 240 11.45 13.41 6.94
CA PRO A 240 12.74 13.54 7.64
C PRO A 240 12.96 12.55 8.77
N SER A 241 12.03 11.66 9.05
CA SER A 241 12.29 10.60 10.02
C SER A 241 12.76 9.33 9.37
N VAL A 242 12.86 9.31 8.04
CA VAL A 242 13.31 8.14 7.31
C VAL A 242 14.78 8.31 6.95
N TYR A 243 15.57 7.26 7.17
CA TYR A 243 17.02 7.30 6.99
C TYR A 243 17.48 6.09 6.18
N PHE A 244 18.55 6.28 5.41
CA PHE A 244 19.15 5.20 4.65
C PHE A 244 20.39 4.76 5.39
N ILE A 245 20.51 3.46 5.63
CA ILE A 245 21.67 2.88 6.26
C ILE A 245 22.33 1.92 5.29
N LYS A 246 23.62 2.05 5.11
CA LYS A 246 24.42 1.12 4.35
C LYS A 246 25.34 0.42 5.33
N PHE A 247 25.10 -0.87 5.54
CA PHE A 247 25.93 -1.71 6.41
C PHE A 247 27.20 -2.13 5.68
N ASP A 248 28.28 -2.32 6.45
CA ASP A 248 29.56 -2.55 5.79
C ASP A 248 29.62 -3.89 5.08
N ASP A 249 28.74 -4.83 5.42
CA ASP A 249 28.80 -6.19 4.93
C ASP A 249 27.70 -6.51 3.92
N ASP A 250 27.06 -5.49 3.34
CA ASP A 250 26.05 -5.71 2.31
C ASP A 250 26.02 -4.52 1.38
N PHE A 251 25.60 -4.75 0.15
CA PHE A 251 25.52 -3.66 -0.82
C PHE A 251 24.13 -3.04 -0.94
N HIS A 252 23.10 -3.60 -0.31
CA HIS A 252 21.79 -2.97 -0.35
C HIS A 252 21.75 -1.73 0.54
N ILE A 253 20.77 -0.86 0.29
CA ILE A 253 20.57 0.34 1.09
C ILE A 253 19.29 0.13 1.90
N TYR A 254 19.40 0.04 3.23
CA TYR A 254 18.25 -0.31 4.05
C TYR A 254 17.57 0.94 4.55
N VAL A 255 16.24 0.91 4.58
CA VAL A 255 15.45 2.07 4.96
C VAL A 255 14.93 1.88 6.38
N TYR A 256 15.20 2.87 7.23
CA TYR A 256 14.81 2.84 8.63
C TYR A 256 13.96 4.05 8.98
N ASP A 257 13.10 3.88 9.96
CA ASP A 257 12.28 4.96 10.48
C ASP A 257 12.70 5.28 11.91
N LEU A 258 12.86 6.57 12.19
CA LEU A 258 13.24 7.05 13.53
C LEU A 258 11.98 7.17 14.39
N VAL A 259 11.82 6.26 15.35
CA VAL A 259 10.59 6.17 16.14
C VAL A 259 10.84 6.63 17.58
N LYS A 260 9.84 7.27 18.17
CA LYS A 260 9.85 7.55 19.60
C LYS A 260 9.71 6.23 20.37
N THR A 261 10.56 6.03 21.36
CA THR A 261 10.58 4.74 22.04
C THR A 261 9.35 4.62 22.96
N SER A 262 8.60 3.54 22.76
CA SER A 262 7.40 3.20 23.54
C SER A 262 6.35 4.32 23.47
N PHE B 1 22.72 -12.00 4.41
CA PHE B 1 22.71 -10.85 5.31
C PHE B 1 21.31 -10.57 5.82
N ALA B 2 21.24 -10.28 7.12
CA ALA B 2 20.00 -9.95 7.78
C ALA B 2 20.20 -8.60 8.46
N ALA B 3 19.45 -7.62 8.03
CA ALA B 3 19.63 -6.33 8.66
C ALA B 3 18.92 -6.29 10.02
N PRO B 4 19.55 -5.69 11.04
CA PRO B 4 18.88 -5.53 12.34
C PRO B 4 17.52 -4.87 12.20
N ALA B 5 16.56 -5.33 13.00
CA ALA B 5 15.23 -4.74 12.94
C ALA B 5 15.18 -3.43 13.69
N GLU B 6 16.06 -3.25 14.65
CA GLU B 6 16.13 -2.01 15.39
C GLU B 6 17.59 -1.64 15.54
N VAL B 7 17.86 -0.34 15.49
CA VAL B 7 19.21 0.16 15.70
C VAL B 7 19.11 1.28 16.72
N ARG B 8 19.96 1.24 17.75
CA ARG B 8 19.96 2.32 18.74
C ARG B 8 21.33 2.55 19.36
N HIS B 9 22.39 2.13 18.70
CA HIS B 9 23.74 2.37 19.20
C HIS B 9 24.58 2.89 18.05
N PHE B 10 25.31 3.97 18.31
CA PHE B 10 26.39 4.46 17.47
C PHE B 10 27.74 4.12 18.12
N THR B 11 28.78 4.10 17.31
CA THR B 11 30.09 3.77 17.87
C THR B 11 30.56 4.84 18.85
N ASP B 12 30.24 6.11 18.62
CA ASP B 12 30.56 7.16 19.58
C ASP B 12 29.49 7.34 20.65
N GLY B 13 28.56 6.39 20.76
CA GLY B 13 27.55 6.41 21.79
C GLY B 13 26.59 7.57 21.76
N SER B 14 26.41 8.23 20.61
CA SER B 14 25.65 9.47 20.58
C SER B 14 24.23 9.27 20.07
N PHE B 15 23.69 8.06 20.15
CA PHE B 15 22.36 7.85 19.65
C PHE B 15 21.37 8.61 20.53
N PRO B 16 20.44 9.37 19.96
CA PRO B 16 19.59 10.22 20.80
C PRO B 16 18.71 9.37 21.69
N ALA B 17 18.57 9.85 22.94
CA ALA B 17 17.86 9.11 23.97
C ALA B 17 16.35 9.14 23.75
N GLY B 18 15.71 8.00 23.97
CA GLY B 18 14.28 7.90 23.80
C GLY B 18 13.82 7.63 22.39
N PHE B 19 14.73 7.24 21.49
CA PHE B 19 14.36 6.97 20.11
C PHE B 19 15.01 5.68 19.67
N VAL B 20 14.50 5.14 18.57
CA VAL B 20 15.10 3.96 17.95
C VAL B 20 14.87 4.05 16.45
N LEU B 21 15.80 3.47 15.68
CA LEU B 21 15.63 3.30 14.25
C LEU B 21 15.04 1.93 13.98
N GLN B 22 13.85 1.90 13.39
CA GLN B 22 13.14 0.67 13.12
C GLN B 22 13.19 0.39 11.63
N LEU B 23 13.66 -0.81 11.26
CA LEU B 23 13.60 -1.25 9.88
C LEU B 23 12.19 -1.01 9.35
N PHE B 24 12.12 -0.55 8.10
CA PHE B 24 10.83 -0.11 7.55
C PHE B 24 9.80 -1.23 7.60
N SER B 25 10.25 -2.49 7.60
CA SER B 25 9.41 -3.68 7.76
C SER B 25 9.06 -3.99 9.21
N HIS B 26 9.66 -3.28 10.18
CA HIS B 26 9.53 -3.54 11.64
C HIS B 26 9.99 -4.94 12.02
N ASN C 52 -3.84 -18.44 -5.44
CA ASN C 52 -4.19 -17.04 -5.24
C ASN C 52 -5.08 -16.50 -6.34
N ILE C 53 -6.26 -16.00 -5.98
CA ILE C 53 -7.20 -15.52 -6.99
C ILE C 53 -7.43 -14.02 -6.93
N VAL C 54 -6.76 -13.30 -6.03
CA VAL C 54 -6.98 -11.85 -5.99
C VAL C 54 -6.54 -11.22 -7.30
N GLY C 55 -7.38 -10.33 -7.84
CA GLY C 55 -7.16 -9.74 -9.13
C GLY C 55 -7.73 -10.53 -10.28
N CYS C 56 -8.17 -11.76 -10.04
CA CYS C 56 -8.63 -12.66 -11.09
C CYS C 56 -10.10 -12.47 -11.36
N ARG C 57 -10.47 -12.67 -12.62
CA ARG C 57 -11.86 -12.89 -12.97
C ARG C 57 -12.26 -14.29 -12.57
N ILE C 58 -13.50 -14.45 -12.08
CA ILE C 58 -13.99 -15.75 -11.65
C ILE C 58 -15.44 -15.93 -12.08
N GLN C 59 -15.83 -17.20 -12.17
CA GLN C 59 -17.23 -17.55 -12.36
C GLN C 59 -17.55 -18.72 -11.44
N HIS C 60 -18.81 -18.79 -11.01
CA HIS C 60 -19.25 -19.93 -10.22
C HIS C 60 -20.76 -20.04 -10.25
N GLY C 61 -21.25 -21.24 -9.97
CA GLY C 61 -22.64 -21.39 -9.66
C GLY C 61 -23.01 -20.66 -8.37
N TRP C 62 -24.23 -20.17 -8.32
CA TRP C 62 -24.81 -19.59 -7.12
C TRP C 62 -26.21 -20.17 -6.95
N LYS C 63 -26.48 -20.74 -5.78
CA LYS C 63 -27.82 -21.25 -5.46
C LYS C 63 -28.47 -20.29 -4.47
N GLU C 64 -29.38 -19.46 -4.99
CA GLU C 64 -30.17 -18.51 -4.21
C GLU C 64 -31.31 -19.28 -3.57
N GLY C 65 -31.21 -19.54 -2.26
CA GLY C 65 -32.28 -20.25 -1.59
C GLY C 65 -32.56 -21.59 -2.24
N ASN C 66 -33.80 -21.75 -2.72
CA ASN C 66 -34.23 -22.97 -3.39
C ASN C 66 -34.40 -22.77 -4.89
N GLY C 67 -33.83 -21.70 -5.44
CA GLY C 67 -33.82 -21.50 -6.87
C GLY C 67 -32.80 -22.39 -7.54
N PRO C 68 -32.83 -22.41 -8.86
CA PRO C 68 -31.86 -23.22 -9.60
C PRO C 68 -30.49 -22.55 -9.59
N VAL C 69 -29.45 -23.36 -9.70
CA VAL C 69 -28.10 -22.84 -9.69
C VAL C 69 -27.90 -21.98 -10.93
N THR C 70 -27.45 -20.74 -10.72
CA THR C 70 -27.23 -19.71 -11.72
C THR C 70 -25.74 -19.40 -11.83
N GLN C 71 -25.28 -19.00 -13.01
CA GLN C 71 -23.86 -18.68 -13.17
C GLN C 71 -23.62 -17.20 -12.89
N TRP C 72 -22.58 -16.92 -12.10
CA TRP C 72 -22.20 -15.58 -11.70
C TRP C 72 -20.76 -15.33 -12.12
N LYS C 73 -20.48 -14.08 -12.49
CA LYS C 73 -19.14 -13.70 -12.91
C LYS C 73 -18.75 -12.42 -12.20
N GLY C 74 -17.49 -12.37 -11.79
CA GLY C 74 -17.02 -11.18 -11.09
C GLY C 74 -15.51 -11.10 -11.01
N THR C 75 -15.06 -10.06 -10.34
CA THR C 75 -13.64 -9.80 -10.13
C THR C 75 -13.38 -9.79 -8.63
N VAL C 76 -12.45 -10.65 -8.20
CA VAL C 76 -12.05 -10.75 -6.80
C VAL C 76 -11.15 -9.54 -6.51
N LEU C 77 -11.66 -8.61 -5.68
CA LEU C 77 -10.95 -7.37 -5.35
C LEU C 77 -9.87 -7.58 -4.30
N ASP C 78 -10.09 -8.48 -3.34
CA ASP C 78 -9.22 -8.56 -2.18
C ASP C 78 -9.48 -9.81 -1.39
N GLN C 79 -8.47 -10.23 -0.63
CA GLN C 79 -8.61 -11.27 0.37
C GLN C 79 -8.36 -10.64 1.73
N VAL C 80 -9.35 -10.73 2.61
CA VAL C 80 -9.32 -10.00 3.87
C VAL C 80 -8.18 -10.52 4.75
N PRO C 81 -7.19 -9.67 5.09
CA PRO C 81 -6.07 -10.13 5.93
C PRO C 81 -6.48 -10.79 7.24
N VAL C 82 -7.41 -10.20 7.98
CA VAL C 82 -7.79 -10.76 9.28
C VAL C 82 -8.70 -11.97 9.19
N ASN C 83 -9.07 -12.41 8.00
CA ASN C 83 -9.84 -13.64 7.79
C ASN C 83 -9.61 -14.11 6.36
N PRO C 84 -8.52 -14.84 6.12
CA PRO C 84 -8.09 -15.10 4.73
C PRO C 84 -9.04 -15.98 3.92
N SER C 85 -10.09 -16.54 4.52
CA SER C 85 -11.09 -17.23 3.71
C SER C 85 -12.12 -16.29 3.15
N LEU C 86 -11.96 -15.00 3.36
CA LEU C 86 -12.99 -14.04 3.01
C LEU C 86 -12.49 -13.18 1.86
N TYR C 87 -13.26 -13.14 0.80
CA TYR C 87 -12.95 -12.40 -0.39
C TYR C 87 -13.98 -11.31 -0.58
N LEU C 88 -13.51 -10.14 -1.03
CA LEU C 88 -14.41 -9.14 -1.57
C LEU C 88 -14.45 -9.33 -3.08
N ILE C 89 -15.67 -9.29 -3.64
CA ILE C 89 -15.92 -9.54 -5.06
C ILE C 89 -16.82 -8.44 -5.61
N LYS C 90 -16.47 -7.91 -6.77
CA LYS C 90 -17.35 -7.04 -7.53
C LYS C 90 -17.92 -7.88 -8.66
N TYR C 91 -19.20 -8.23 -8.57
CA TYR C 91 -19.85 -9.03 -9.60
C TYR C 91 -20.41 -8.15 -10.71
N ASP C 92 -20.33 -8.64 -11.94
CA ASP C 92 -20.99 -7.96 -13.05
C ASP C 92 -22.49 -8.00 -12.80
N GLY C 93 -23.12 -6.84 -12.84
CA GLY C 93 -24.54 -6.79 -12.60
C GLY C 93 -24.95 -6.37 -11.20
N PHE C 94 -24.07 -6.49 -10.20
CA PHE C 94 -24.33 -5.97 -8.85
C PHE C 94 -23.44 -4.77 -8.56
N ASP C 95 -24.07 -3.64 -8.16
CA ASP C 95 -23.33 -2.48 -7.66
C ASP C 95 -22.69 -2.69 -6.28
N CYS C 96 -23.09 -3.71 -5.54
CA CYS C 96 -22.58 -3.93 -4.19
C CYS C 96 -21.33 -4.79 -4.21
N VAL C 97 -20.35 -4.41 -3.39
CA VAL C 97 -19.25 -5.33 -3.13
C VAL C 97 -19.78 -6.46 -2.27
N TYR C 98 -19.44 -7.70 -2.62
CA TYR C 98 -19.88 -8.85 -1.86
C TYR C 98 -18.73 -9.36 -1.01
N GLY C 99 -19.05 -9.82 0.20
CA GLY C 99 -18.12 -10.53 1.04
C GLY C 99 -18.54 -11.98 1.11
N LEU C 100 -17.71 -12.86 0.57
CA LEU C 100 -18.02 -14.27 0.51
C LEU C 100 -16.78 -15.07 0.85
N GLU C 101 -16.97 -16.16 1.58
CA GLU C 101 -15.91 -17.15 1.77
C GLU C 101 -16.04 -18.14 0.61
N LEU C 102 -15.40 -17.77 -0.51
CA LEU C 102 -15.67 -18.41 -1.79
C LEU C 102 -15.46 -19.91 -1.76
N ASN C 103 -14.49 -20.38 -0.98
CA ASN C 103 -14.15 -21.79 -0.97
C ASN C 103 -14.81 -22.57 0.16
N LYS C 104 -15.66 -21.93 0.95
CA LYS C 104 -16.38 -22.59 2.03
C LYS C 104 -17.89 -22.51 1.88
N ASP C 105 -18.40 -21.36 1.41
CA ASP C 105 -19.83 -21.13 1.32
C ASP C 105 -20.51 -22.20 0.49
N GLU C 106 -21.59 -22.79 1.01
CA GLU C 106 -22.18 -23.89 0.27
C GLU C 106 -23.11 -23.44 -0.85
N ARG C 107 -23.34 -22.14 -1.02
CA ARG C 107 -24.07 -21.64 -2.17
C ARG C 107 -23.19 -21.49 -3.41
N VAL C 108 -21.89 -21.67 -3.27
CA VAL C 108 -20.92 -21.52 -4.35
C VAL C 108 -20.49 -22.89 -4.84
N SER C 109 -20.56 -23.10 -6.16
CA SER C 109 -20.10 -24.35 -6.75
C SER C 109 -19.41 -24.03 -8.08
N ALA C 110 -18.56 -24.96 -8.51
CA ALA C 110 -17.86 -24.90 -9.79
C ALA C 110 -17.10 -23.58 -9.95
N LEU C 111 -16.26 -23.31 -8.96
CA LEU C 111 -15.53 -22.05 -8.91
C LEU C 111 -14.34 -22.13 -9.85
N GLU C 112 -14.25 -21.21 -10.80
CA GLU C 112 -13.19 -21.24 -11.80
C GLU C 112 -12.62 -19.85 -12.05
N VAL C 113 -11.30 -19.79 -12.27
CA VAL C 113 -10.66 -18.56 -12.73
C VAL C 113 -10.77 -18.47 -14.24
N LEU C 114 -11.26 -17.32 -14.74
CA LEU C 114 -11.48 -16.90 -16.12
C LEU C 114 -10.33 -16.03 -16.63
N PRO C 115 -10.24 -15.84 -17.94
CA PRO C 115 -9.28 -14.86 -18.49
C PRO C 115 -9.64 -13.44 -18.07
N ASP C 116 -8.62 -12.59 -18.04
CA ASP C 116 -8.86 -11.18 -17.71
C ASP C 116 -9.85 -10.58 -18.70
N ARG C 117 -10.48 -9.48 -18.28
CA ARG C 117 -11.35 -8.74 -19.17
C ARG C 117 -10.53 -7.97 -20.19
N VAL C 118 -11.13 -7.69 -21.35
CA VAL C 118 -10.46 -6.90 -22.38
C VAL C 118 -10.12 -5.52 -21.84
N ALA C 119 -8.85 -5.15 -21.96
CA ALA C 119 -8.30 -3.87 -21.47
C ALA C 119 -8.88 -2.67 -22.21
N THR C 120 -9.18 -1.60 -21.49
CA THR C 120 -9.74 -0.44 -22.19
C THR C 120 -8.71 0.67 -22.27
N SER C 121 -7.58 0.57 -21.56
CA SER C 121 -6.53 1.61 -21.61
C SER C 121 -7.13 3.01 -21.43
N ASP C 125 -8.01 10.41 -15.26
CA ASP C 125 -7.15 11.44 -14.61
C ASP C 125 -6.91 11.01 -13.17
N ALA C 126 -5.72 11.22 -12.64
CA ALA C 126 -5.49 10.67 -11.30
C ALA C 126 -5.46 11.77 -10.24
N HIS C 127 -5.33 13.03 -10.62
CA HIS C 127 -5.40 14.03 -9.52
C HIS C 127 -6.88 14.17 -9.19
N LEU C 128 -7.75 14.06 -10.20
CA LEU C 128 -9.22 14.15 -10.04
C LEU C 128 -9.68 12.98 -9.20
N ALA C 129 -9.23 11.78 -9.56
CA ALA C 129 -9.58 10.56 -8.82
C ALA C 129 -9.17 10.73 -7.37
N ASP C 130 -7.97 11.21 -7.11
CA ASP C 130 -7.48 11.39 -5.74
C ASP C 130 -8.20 12.54 -5.03
N THR C 131 -8.61 13.59 -5.74
CA THR C 131 -9.36 14.67 -5.09
C THR C 131 -10.66 14.13 -4.54
N MET C 132 -11.28 13.19 -5.25
CA MET C 132 -12.61 12.72 -4.88
C MET C 132 -12.61 11.89 -3.59
N ILE C 133 -11.50 11.22 -3.29
CA ILE C 133 -11.48 10.23 -2.21
C ILE C 133 -11.58 10.92 -0.87
N GLY C 134 -12.37 10.35 0.05
CA GLY C 134 -12.63 10.94 1.34
C GLY C 134 -13.76 11.96 1.40
N LYS C 135 -14.27 12.45 0.28
CA LYS C 135 -15.15 13.62 0.29
C LYS C 135 -16.62 13.23 0.26
N ALA C 136 -17.46 14.12 0.79
CA ALA C 136 -18.90 13.89 0.72
C ALA C 136 -19.41 14.35 -0.62
N VAL C 137 -20.45 13.66 -1.12
CA VAL C 137 -20.96 13.87 -2.47
C VAL C 137 -22.47 13.72 -2.52
N GLU C 138 -23.04 14.26 -3.59
CA GLU C 138 -24.42 14.02 -4.00
C GLU C 138 -24.34 13.28 -5.33
N HIS C 139 -24.97 12.12 -5.40
CA HIS C 139 -24.90 11.24 -6.57
C HIS C 139 -26.31 11.09 -7.12
N MET C 140 -26.50 11.52 -8.36
CA MET C 140 -27.82 11.61 -8.98
C MET C 140 -28.08 10.36 -9.82
N PHE C 141 -29.11 9.60 -9.44
CA PHE C 141 -29.55 8.43 -10.17
C PHE C 141 -30.85 8.70 -10.92
N GLU C 142 -31.13 7.84 -11.91
CA GLU C 142 -32.33 7.96 -12.74
C GLU C 142 -33.40 7.05 -12.17
N THR C 143 -34.29 7.61 -11.36
CA THR C 143 -35.40 6.84 -10.82
C THR C 143 -36.41 6.58 -11.92
N GLU C 144 -36.95 5.35 -11.92
CA GLU C 144 -37.99 4.96 -12.86
C GLU C 144 -37.60 5.30 -14.28
N ASP C 145 -38.45 6.08 -14.94
CA ASP C 145 -38.12 6.65 -16.24
C ASP C 145 -38.27 8.16 -16.14
N GLY C 146 -37.20 8.88 -16.44
CA GLY C 146 -37.21 10.33 -16.41
C GLY C 146 -37.21 10.95 -15.03
N SER C 147 -37.26 10.16 -13.96
CA SER C 147 -37.16 10.79 -12.66
C SER C 147 -35.69 10.77 -12.22
N LYS C 148 -35.32 11.69 -11.34
CA LYS C 148 -33.95 11.73 -10.83
C LYS C 148 -33.98 11.91 -9.33
N ASP C 149 -33.33 10.99 -8.61
CA ASP C 149 -33.21 11.04 -7.16
C ASP C 149 -31.75 11.19 -6.75
N GLU C 150 -31.52 12.10 -5.81
CA GLU C 150 -30.19 12.51 -5.39
C GLU C 150 -29.84 11.83 -4.06
N TRP C 151 -28.94 10.84 -4.10
CA TRP C 151 -28.48 10.14 -2.91
C TRP C 151 -27.24 10.82 -2.36
N ARG C 152 -27.30 11.23 -1.10
CA ARG C 152 -26.14 11.76 -0.40
C ARG C 152 -25.25 10.60 0.03
N GLY C 153 -23.94 10.75 -0.19
CA GLY C 153 -23.01 9.68 0.12
C GLY C 153 -21.60 10.19 0.29
N MET C 154 -20.66 9.25 0.38
CA MET C 154 -19.26 9.57 0.57
C MET C 154 -18.37 8.64 -0.24
N VAL C 155 -17.31 9.20 -0.81
CA VAL C 155 -16.32 8.45 -1.58
C VAL C 155 -15.21 7.99 -0.64
N LEU C 156 -14.98 6.68 -0.58
CA LEU C 156 -14.13 6.11 0.45
C LEU C 156 -12.73 5.76 -0.05
N ALA C 157 -12.62 5.23 -1.25
CA ALA C 157 -11.31 4.83 -1.75
C ALA C 157 -11.42 4.50 -3.24
N ARG C 158 -10.28 4.54 -3.91
CA ARG C 158 -10.16 3.94 -5.22
C ARG C 158 -10.13 2.44 -5.02
N ALA C 159 -11.01 1.72 -5.72
CA ALA C 159 -11.09 0.28 -5.51
C ALA C 159 -9.77 -0.37 -5.88
N PRO C 160 -9.42 -1.48 -5.25
CA PRO C 160 -8.25 -2.24 -5.69
C PRO C 160 -8.56 -2.98 -6.98
N VAL C 161 -7.51 -3.33 -7.71
CA VAL C 161 -7.61 -4.13 -8.93
C VAL C 161 -8.40 -3.44 -10.05
N MET C 162 -9.64 -3.02 -9.78
CA MET C 162 -10.40 -2.32 -10.81
C MET C 162 -10.21 -0.82 -10.63
N ASN C 163 -9.10 -0.33 -11.16
CA ASN C 163 -8.91 1.09 -11.12
C ASN C 163 -9.90 1.69 -12.12
N THR C 164 -10.22 2.96 -11.90
CA THR C 164 -11.33 3.74 -12.47
C THR C 164 -12.58 3.51 -11.65
N TRP C 165 -12.60 2.52 -10.76
CA TRP C 165 -13.74 2.29 -9.91
C TRP C 165 -13.45 2.78 -8.49
N PHE C 166 -14.50 3.24 -7.83
CA PHE C 166 -14.43 3.85 -6.52
C PHE C 166 -15.38 3.17 -5.56
N TYR C 167 -14.89 2.94 -4.35
CA TYR C 167 -15.74 2.57 -3.23
C TYR C 167 -16.53 3.79 -2.80
N ILE C 168 -17.85 3.63 -2.68
CA ILE C 168 -18.71 4.72 -2.25
C ILE C 168 -19.80 4.14 -1.36
N THR C 169 -20.27 4.94 -0.41
CA THR C 169 -21.38 4.50 0.42
C THR C 169 -22.40 5.63 0.53
N TYR C 170 -23.61 5.28 0.97
CA TYR C 170 -24.74 6.19 0.92
C TYR C 170 -25.48 6.25 2.25
N GLU C 171 -25.93 7.45 2.59
CA GLU C 171 -26.74 7.62 3.79
C GLU C 171 -28.04 6.86 3.70
N LYS C 172 -28.63 6.76 2.52
CA LYS C 172 -29.87 5.98 2.36
C LYS C 172 -29.61 4.49 2.20
N ASP C 173 -28.34 4.06 2.16
CA ASP C 173 -27.94 2.64 2.10
C ASP C 173 -26.47 2.51 2.51
N PRO C 174 -26.19 2.25 3.79
CA PRO C 174 -24.80 2.30 4.28
C PRO C 174 -24.02 1.02 4.02
N VAL C 175 -24.11 0.46 2.81
CA VAL C 175 -23.24 -0.65 2.45
C VAL C 175 -22.23 -0.16 1.43
N LEU C 176 -21.29 -1.03 1.10
CA LEU C 176 -20.16 -0.66 0.27
C LEU C 176 -20.52 -0.90 -1.19
N TYR C 177 -20.61 0.18 -1.96
CA TYR C 177 -20.85 0.12 -3.41
C TYR C 177 -19.58 0.40 -4.18
N MET C 178 -19.62 0.06 -5.47
CA MET C 178 -18.55 0.36 -6.39
C MET C 178 -19.10 1.02 -7.65
N TYR C 179 -18.55 2.17 -8.02
CA TYR C 179 -18.98 2.86 -9.23
C TYR C 179 -17.80 3.50 -9.95
N GLN C 180 -17.97 3.72 -11.26
CA GLN C 180 -17.00 4.43 -12.07
C GLN C 180 -17.36 5.91 -12.00
N LEU C 181 -16.86 6.59 -10.98
CA LEU C 181 -17.38 7.92 -10.62
C LEU C 181 -16.81 9.06 -11.44
N LEU C 182 -15.67 8.90 -12.11
CA LEU C 182 -15.16 10.01 -12.91
C LEU C 182 -16.06 10.25 -14.12
N ASP C 183 -16.66 9.20 -14.66
CA ASP C 183 -17.63 9.37 -15.74
C ASP C 183 -18.80 10.22 -15.28
N ASP C 184 -19.37 9.85 -14.14
CA ASP C 184 -20.50 10.57 -13.57
C ASP C 184 -20.10 11.98 -13.16
N TYR C 185 -18.82 12.17 -12.81
CA TYR C 185 -18.35 13.49 -12.39
C TYR C 185 -18.25 14.43 -13.59
N LYS C 186 -17.62 13.97 -14.68
CA LYS C 186 -17.58 14.76 -15.90
C LYS C 186 -19.00 15.04 -16.40
N GLU C 187 -19.82 13.99 -16.49
CA GLU C 187 -21.23 14.13 -16.87
C GLU C 187 -22.02 15.07 -15.97
N GLY C 188 -21.48 15.47 -14.82
CA GLY C 188 -22.20 16.31 -13.89
C GLY C 188 -23.12 15.59 -12.93
N ASP C 189 -23.30 14.27 -13.05
CA ASP C 189 -24.22 13.55 -12.17
C ASP C 189 -23.64 13.27 -10.79
N LEU C 190 -22.43 13.73 -10.48
CA LEU C 190 -21.85 13.58 -9.15
C LEU C 190 -21.27 14.93 -8.76
N ARG C 191 -21.80 15.52 -7.70
CA ARG C 191 -21.37 16.79 -7.18
C ARG C 191 -20.64 16.58 -5.88
N ILE C 192 -19.53 17.29 -5.69
CA ILE C 192 -18.75 17.21 -4.45
C ILE C 192 -19.22 18.28 -3.48
N MET C 193 -19.63 17.85 -2.28
CA MET C 193 -20.01 18.73 -1.19
C MET C 193 -18.77 19.32 -0.52
N PRO C 194 -18.90 20.46 0.19
CA PRO C 194 -17.70 21.09 0.75
C PRO C 194 -17.10 20.39 1.99
N PRO C 206 -11.57 10.81 16.28
CA PRO C 206 -12.00 9.53 16.86
C PRO C 206 -11.31 8.36 16.17
N GLY C 207 -11.17 8.42 14.85
CA GLY C 207 -10.43 7.36 14.18
C GLY C 207 -8.92 7.48 14.32
N GLU C 208 -8.43 8.66 14.70
CA GLU C 208 -7.00 8.83 14.88
C GLU C 208 -6.58 8.75 16.34
N VAL C 209 -7.48 9.13 17.25
CA VAL C 209 -7.23 8.92 18.67
C VAL C 209 -7.23 7.44 18.98
N VAL C 210 -8.24 6.73 18.48
CA VAL C 210 -8.43 5.32 18.82
C VAL C 210 -7.52 4.48 17.94
N ASP C 211 -6.84 3.52 18.57
CA ASP C 211 -6.09 2.53 17.81
C ASP C 211 -7.05 1.73 16.95
N SER C 212 -6.50 1.03 15.96
CA SER C 212 -7.34 0.46 14.91
C SER C 212 -8.15 -0.71 15.44
N LEU C 213 -9.42 -0.74 15.06
CA LEU C 213 -10.31 -1.84 15.44
C LEU C 213 -10.20 -3.05 14.53
N VAL C 214 -9.39 -2.97 13.46
CA VAL C 214 -9.41 -4.00 12.44
C VAL C 214 -9.00 -5.33 13.05
N GLY C 215 -9.74 -6.37 12.73
CA GLY C 215 -9.46 -7.68 13.25
C GLY C 215 -10.28 -8.06 14.47
N LYS C 216 -10.93 -7.09 15.13
CA LYS C 216 -11.80 -7.39 16.25
C LYS C 216 -13.09 -8.05 15.78
N GLN C 217 -13.61 -8.93 16.63
CA GLN C 217 -14.85 -9.62 16.36
C GLN C 217 -15.98 -8.91 17.09
N VAL C 218 -16.95 -8.44 16.32
CA VAL C 218 -18.09 -7.65 16.77
C VAL C 218 -19.19 -8.57 17.27
N GLU C 219 -20.01 -8.04 18.19
CA GLU C 219 -21.02 -8.81 18.93
C GLU C 219 -22.22 -7.91 19.17
N TYR C 220 -23.38 -8.34 18.73
CA TYR C 220 -24.59 -7.57 18.96
C TYR C 220 -25.70 -8.54 19.32
N ALA C 221 -26.78 -8.01 19.84
CA ALA C 221 -27.97 -8.80 20.06
C ALA C 221 -29.08 -8.30 19.16
N LYS C 222 -29.89 -9.21 18.66
CA LYS C 222 -31.09 -8.75 18.00
C LYS C 222 -32.16 -8.71 19.08
N GLU C 223 -33.37 -8.24 18.73
CA GLU C 223 -34.36 -8.12 19.80
C GLU C 223 -34.74 -9.49 20.36
N ASP C 224 -34.33 -10.57 19.69
CA ASP C 224 -34.47 -11.90 20.26
C ASP C 224 -33.58 -12.08 21.49
N GLY C 225 -32.56 -11.24 21.66
CA GLY C 225 -31.53 -11.48 22.64
C GLY C 225 -30.43 -12.42 22.19
N SER C 226 -30.59 -13.09 21.05
CA SER C 226 -29.52 -13.89 20.50
C SER C 226 -28.33 -12.99 20.19
N LYS C 227 -27.15 -13.40 20.63
CA LYS C 227 -25.95 -12.70 20.25
C LYS C 227 -25.47 -13.25 18.91
N ARG C 228 -25.20 -12.35 17.96
CA ARG C 228 -24.57 -12.71 16.71
C ARG C 228 -23.31 -11.88 16.51
N THR C 229 -22.45 -12.37 15.63
CA THR C 229 -21.12 -11.81 15.50
C THR C 229 -20.84 -11.34 14.08
N GLY C 230 -19.80 -10.53 14.00
CA GLY C 230 -19.27 -10.04 12.75
C GLY C 230 -17.82 -9.71 12.93
N MET C 231 -17.25 -9.04 11.94
CA MET C 231 -15.83 -8.72 12.06
C MET C 231 -15.53 -7.40 11.39
N VAL C 232 -14.74 -6.58 12.08
CA VAL C 232 -14.23 -5.32 11.54
C VAL C 232 -13.07 -5.66 10.62
N ILE C 233 -13.27 -5.50 9.31
CA ILE C 233 -12.28 -6.02 8.36
C ILE C 233 -11.39 -4.94 7.74
N HIS C 234 -11.71 -3.65 7.88
CA HIS C 234 -10.92 -2.63 7.21
C HIS C 234 -11.19 -1.26 7.80
N GLN C 235 -10.14 -0.44 7.87
CA GLN C 235 -10.27 0.96 8.26
C GLN C 235 -9.97 1.83 7.04
N VAL C 236 -10.79 2.85 6.81
CA VAL C 236 -10.65 3.65 5.59
C VAL C 236 -9.46 4.58 5.78
N GLU C 237 -8.49 4.51 4.86
CA GLU C 237 -7.29 5.32 5.03
C GLU C 237 -7.57 6.81 4.92
N ALA C 238 -8.56 7.20 4.12
CA ALA C 238 -8.86 8.61 3.92
C ALA C 238 -9.63 9.21 5.08
N LYS C 239 -10.40 8.40 5.80
CA LYS C 239 -11.22 8.87 6.90
C LYS C 239 -11.13 7.85 8.01
N PRO C 240 -10.13 7.99 8.88
CA PRO C 240 -9.73 6.86 9.75
C PRO C 240 -10.75 6.48 10.81
N SER C 241 -11.87 7.16 10.92
CA SER C 241 -12.91 6.73 11.84
C SER C 241 -13.99 5.91 11.17
N VAL C 242 -13.91 5.75 9.85
CA VAL C 242 -14.86 4.95 9.11
C VAL C 242 -14.32 3.53 9.02
N TYR C 243 -15.17 2.55 9.25
CA TYR C 243 -14.78 1.15 9.31
C TYR C 243 -15.72 0.30 8.47
N PHE C 244 -15.20 -0.81 7.95
CA PHE C 244 -15.99 -1.79 7.22
C PHE C 244 -16.25 -2.98 8.13
N ILE C 245 -17.51 -3.40 8.21
CA ILE C 245 -17.90 -4.56 9.01
C ILE C 245 -18.54 -5.60 8.10
N LYS C 246 -18.08 -6.85 8.23
CA LYS C 246 -18.69 -7.97 7.55
C LYS C 246 -19.33 -8.84 8.63
N PHE C 247 -20.66 -8.89 8.64
CA PHE C 247 -21.39 -9.76 9.57
C PHE C 247 -21.42 -11.18 9.02
N ASP C 248 -21.53 -12.15 9.92
CA ASP C 248 -21.49 -13.54 9.49
C ASP C 248 -22.73 -13.95 8.70
N ASP C 249 -23.83 -13.20 8.79
CA ASP C 249 -25.11 -13.64 8.25
C ASP C 249 -25.57 -12.81 7.06
N ASP C 250 -24.67 -12.06 6.44
CA ASP C 250 -24.99 -11.31 5.25
C ASP C 250 -23.71 -11.17 4.43
N PHE C 251 -23.89 -11.02 3.12
CA PHE C 251 -22.74 -10.87 2.24
C PHE C 251 -22.39 -9.42 1.94
N HIS C 252 -23.20 -8.46 2.37
CA HIS C 252 -22.81 -7.06 2.20
C HIS C 252 -21.69 -6.67 3.18
N ILE C 253 -21.05 -5.54 2.85
CA ILE C 253 -20.01 -4.91 3.66
C ILE C 253 -20.60 -3.61 4.17
N TYR C 254 -20.78 -3.51 5.50
CA TYR C 254 -21.47 -2.39 6.11
C TYR C 254 -20.50 -1.32 6.62
N VAL C 255 -20.86 -0.06 6.44
CA VAL C 255 -19.98 1.06 6.77
C VAL C 255 -20.42 1.66 8.10
N TYR C 256 -19.49 1.77 9.04
CA TYR C 256 -19.73 2.34 10.35
C TYR C 256 -18.78 3.49 10.60
N ASP C 257 -19.21 4.48 11.39
CA ASP C 257 -18.34 5.57 11.83
C ASP C 257 -18.14 5.52 13.34
N LEU C 258 -16.89 5.71 13.77
CA LEU C 258 -16.49 5.71 15.18
C LEU C 258 -16.76 7.10 15.78
N VAL C 259 -17.82 7.22 16.57
CA VAL C 259 -18.23 8.51 17.11
C VAL C 259 -18.06 8.49 18.63
N LYS C 260 -17.65 9.62 19.20
CA LYS C 260 -17.64 9.73 20.66
C LYS C 260 -19.08 9.77 21.14
N THR C 261 -19.38 9.01 22.19
CA THR C 261 -20.74 8.83 22.65
C THR C 261 -21.27 10.08 23.36
N SER C 262 -22.45 10.55 22.90
CA SER C 262 -23.20 11.68 23.45
C SER C 262 -22.41 12.98 23.48
N PHE D 1 -31.92 -9.28 6.17
CA PHE D 1 -30.93 -8.97 7.19
C PHE D 1 -31.00 -7.51 7.57
N ALA D 2 -30.95 -7.24 8.87
CA ALA D 2 -31.00 -5.88 9.39
C ALA D 2 -29.74 -5.64 10.18
N ALA D 3 -28.94 -4.71 9.75
CA ALA D 3 -27.69 -4.44 10.44
C ALA D 3 -27.95 -3.61 11.70
N PRO D 4 -27.33 -3.96 12.82
CA PRO D 4 -27.46 -3.12 14.03
C PRO D 4 -27.07 -1.69 13.74
N ALA D 5 -27.84 -0.75 14.28
CA ALA D 5 -27.57 0.66 14.01
C ALA D 5 -26.39 1.15 14.82
N GLU D 6 -26.12 0.53 15.94
CA GLU D 6 -24.95 0.86 16.74
C GLU D 6 -24.31 -0.43 17.21
N VAL D 7 -22.99 -0.39 17.27
CA VAL D 7 -22.16 -1.49 17.70
C VAL D 7 -21.24 -0.97 18.79
N ARG D 8 -21.13 -1.70 19.92
CA ARG D 8 -20.19 -1.28 20.97
C ARG D 8 -19.67 -2.42 21.82
N HIS D 9 -19.71 -3.66 21.34
CA HIS D 9 -19.17 -4.79 22.06
C HIS D 9 -18.33 -5.64 21.12
N PHE D 10 -17.15 -6.01 21.58
CA PHE D 10 -16.36 -7.06 20.97
C PHE D 10 -16.47 -8.32 21.82
N THR D 11 -16.21 -9.47 21.18
CA THR D 11 -16.32 -10.72 21.92
C THR D 11 -15.28 -10.83 23.02
N ASP D 12 -14.11 -10.22 22.83
CA ASP D 12 -13.12 -10.16 23.90
C ASP D 12 -13.32 -8.96 24.80
N GLY D 13 -14.46 -8.27 24.67
CA GLY D 13 -14.78 -7.16 25.54
C GLY D 13 -13.85 -5.97 25.43
N SER D 14 -13.16 -5.80 24.31
CA SER D 14 -12.11 -4.78 24.27
C SER D 14 -12.53 -3.48 23.59
N PHE D 15 -13.82 -3.25 23.46
CA PHE D 15 -14.29 -2.07 22.73
C PHE D 15 -13.94 -0.81 23.52
N PRO D 16 -13.38 0.22 22.86
CA PRO D 16 -12.86 1.36 23.63
C PRO D 16 -13.97 2.15 24.29
N ALA D 17 -13.70 2.61 25.52
CA ALA D 17 -14.72 3.25 26.33
C ALA D 17 -14.96 4.68 25.86
N GLY D 18 -16.23 5.05 25.80
CA GLY D 18 -16.61 6.37 25.37
C GLY D 18 -16.78 6.52 23.87
N PHE D 19 -16.82 5.43 23.13
CA PHE D 19 -16.98 5.50 21.68
C PHE D 19 -18.02 4.49 21.24
N VAL D 20 -18.54 4.73 20.04
CA VAL D 20 -19.50 3.78 19.49
C VAL D 20 -19.34 3.77 17.96
N LEU D 21 -19.58 2.60 17.37
CA LEU D 21 -19.62 2.47 15.92
C LEU D 21 -21.05 2.67 15.47
N GLN D 22 -21.27 3.69 14.65
CA GLN D 22 -22.61 4.01 14.19
C GLN D 22 -22.71 3.69 12.71
N LEU D 23 -23.75 2.94 12.36
CA LEU D 23 -24.06 2.71 10.96
C LEU D 23 -24.04 4.04 10.21
N PHE D 24 -23.48 4.01 9.00
CA PHE D 24 -23.28 5.27 8.28
C PHE D 24 -24.58 6.02 8.04
N SER D 25 -25.69 5.27 7.97
CA SER D 25 -27.02 5.85 7.89
C SER D 25 -27.55 6.30 9.25
N HIS D 26 -26.85 5.97 10.34
CA HIS D 26 -27.27 6.22 11.72
C HIS D 26 -28.60 5.49 12.00
#